data_2GT2
#
_entry.id   2GT2
#
_cell.length_a   48.767
_cell.length_b   48.767
_cell.length_c   210.230
_cell.angle_alpha   90.000
_cell.angle_beta   90.000
_cell.angle_gamma   120.000
#
_symmetry.space_group_name_H-M   'P 32'
#
loop_
_entity.id
_entity.type
_entity.pdbx_description
1 polymer 'GDP-mannose mannosyl hydrolase'
2 water water
#
_entity_poly.entity_id   1
_entity_poly.type   'polypeptide(L)'
_entity_poly.pdbx_seq_one_letter_code
;MMFLRQEDFATVVRSTPLVSLDFIVENSRGEFLLGKRTNRPAQGYWFVPGGRVQKDETLEAAFERLTMAELGLRLPITAG
QFYGVWQHFYDDNFSGTDFTTHYVVLGFRFRVSEEELLLPDEQHDDYRWLTSDALLASDNVHANSRAYFLAEKRTGVPGL
;
_entity_poly.pdbx_strand_id   A,B,C,D
#
# COMPACT_ATOMS: atom_id res chain seq x y z
N PHE A 3 13.72 -32.61 -8.98
CA PHE A 3 14.55 -31.63 -8.22
C PHE A 3 15.27 -30.68 -9.18
N LEU A 4 15.47 -29.45 -8.73
CA LEU A 4 15.96 -28.37 -9.59
C LEU A 4 17.46 -28.16 -9.47
N ARG A 5 18.08 -27.91 -10.61
CA ARG A 5 19.46 -27.48 -10.64
C ARG A 5 19.55 -25.96 -10.48
N GLN A 6 20.60 -25.53 -9.79
CA GLN A 6 20.92 -24.11 -9.52
C GLN A 6 20.49 -23.14 -10.63
N GLU A 7 20.90 -23.45 -11.86
CA GLU A 7 20.65 -22.61 -13.02
C GLU A 7 19.16 -22.47 -13.34
N ASP A 8 18.40 -23.55 -13.13
CA ASP A 8 16.97 -23.56 -13.40
C ASP A 8 16.14 -22.83 -12.32
N PHE A 9 16.59 -22.92 -11.07
CA PHE A 9 15.92 -22.20 -9.98
C PHE A 9 16.18 -20.70 -10.06
N ALA A 10 17.38 -20.34 -10.53
CA ALA A 10 17.73 -18.95 -10.83
C ALA A 10 16.82 -18.37 -11.91
N THR A 11 16.62 -19.13 -12.99
CA THR A 11 15.68 -18.79 -14.05
C THR A 11 14.26 -18.64 -13.51
N VAL A 12 13.84 -19.58 -12.66
CA VAL A 12 12.54 -19.52 -11.99
C VAL A 12 12.39 -18.23 -11.16
N VAL A 13 13.32 -18.01 -10.23
CA VAL A 13 13.26 -16.85 -9.34
C VAL A 13 13.27 -15.55 -10.16
N ARG A 14 14.06 -15.54 -11.23
CA ARG A 14 14.20 -14.40 -12.13
C ARG A 14 12.90 -14.06 -12.85
N SER A 15 12.12 -15.10 -13.19
CA SER A 15 11.03 -14.98 -14.17
C SER A 15 9.60 -14.97 -13.62
N THR A 16 9.41 -15.48 -12.40
CA THR A 16 8.05 -15.73 -11.91
C THR A 16 7.93 -15.61 -10.39
N PRO A 17 6.72 -15.28 -9.87
CA PRO A 17 6.54 -15.39 -8.42
C PRO A 17 6.64 -16.82 -7.88
N LEU A 18 7.28 -16.94 -6.72
CA LEU A 18 7.26 -18.17 -5.96
C LEU A 18 5.99 -18.22 -5.12
N VAL A 19 5.58 -19.44 -4.77
CA VAL A 19 4.41 -19.67 -3.92
C VAL A 19 4.88 -20.26 -2.61
N SER A 20 4.49 -19.65 -1.51
CA SER A 20 4.91 -20.13 -0.19
C SER A 20 3.78 -20.18 0.81
N LEU A 21 4.01 -20.94 1.87
CA LEU A 21 3.15 -20.95 3.04
C LEU A 21 3.91 -20.32 4.18
N ASP A 22 3.27 -19.40 4.89
CA ASP A 22 3.84 -18.80 6.10
C ASP A 22 2.99 -19.20 7.29
N PHE A 23 3.64 -19.56 8.38
CA PHE A 23 2.92 -20.03 9.56
C PHE A 23 3.03 -19.04 10.71
N ILE A 24 1.88 -18.54 11.16
CA ILE A 24 1.82 -17.71 12.35
C ILE A 24 1.52 -18.64 13.52
N VAL A 25 2.58 -18.96 14.26
CA VAL A 25 2.56 -20.03 15.25
C VAL A 25 2.55 -19.44 16.66
N GLU A 26 1.47 -19.67 17.40
CA GLU A 26 1.29 -19.09 18.73
C GLU A 26 1.47 -20.17 19.80
N ASN A 27 2.16 -19.83 20.89
CA ASN A 27 2.30 -20.75 22.03
C ASN A 27 1.32 -20.44 23.16
N SER A 28 1.53 -21.08 24.32
CA SER A 28 0.72 -20.89 25.54
C SER A 28 0.64 -19.46 26.04
N ARG A 29 1.74 -18.72 25.94
CA ARG A 29 1.87 -17.37 26.50
C ARG A 29 1.40 -16.29 25.53
N GLY A 30 0.85 -16.71 24.39
CA GLY A 30 0.44 -15.80 23.33
C GLY A 30 1.61 -15.20 22.57
N GLU A 31 2.74 -15.90 22.60
CA GLU A 31 3.95 -15.47 21.88
C GLU A 31 4.03 -16.20 20.55
N PHE A 32 4.77 -15.65 19.59
CA PHE A 32 4.82 -16.20 18.24
C PHE A 32 6.23 -16.62 17.83
N LEU A 33 6.32 -17.74 17.12
CA LEU A 33 7.60 -18.29 16.69
C LEU A 33 8.22 -17.52 15.53
N LEU A 34 9.48 -17.14 15.69
CA LEU A 34 10.27 -16.50 14.66
C LEU A 34 11.62 -17.19 14.55
N GLY A 35 12.14 -17.24 13.33
CA GLY A 35 13.44 -17.87 13.09
C GLY A 35 14.37 -16.92 12.36
N LYS A 36 15.66 -16.97 12.72
CA LYS A 36 16.67 -16.13 12.07
C LYS A 36 17.06 -16.72 10.72
N ARG A 37 17.04 -15.90 9.68
CA ARG A 37 17.51 -16.32 8.37
C ARG A 37 19.02 -16.17 8.25
N THR A 38 19.68 -17.26 7.85
CA THR A 38 21.14 -17.33 7.80
C THR A 38 21.67 -17.24 6.36
N ASN A 39 20.76 -17.25 5.39
CA ASN A 39 21.13 -17.10 3.98
C ASN A 39 20.20 -16.11 3.29
N ARG A 40 20.59 -15.69 2.09
CA ARG A 40 19.76 -14.82 1.27
C ARG A 40 18.45 -15.49 0.87
N PRO A 41 17.38 -14.70 0.62
CA PRO A 41 17.29 -13.24 0.69
C PRO A 41 17.03 -12.70 2.11
N ALA A 42 17.31 -11.41 2.31
CA ALA A 42 17.10 -10.74 3.60
C ALA A 42 17.79 -11.49 4.75
N GLN A 43 19.03 -11.90 4.49
CA GLN A 43 19.90 -12.55 5.46
C GLN A 43 19.96 -11.73 6.75
N GLY A 44 19.84 -12.42 7.89
CA GLY A 44 20.01 -11.77 9.19
C GLY A 44 18.71 -11.38 9.87
N TYR A 45 17.63 -11.25 9.10
CA TYR A 45 16.33 -10.90 9.65
C TYR A 45 15.60 -12.11 10.22
N TRP A 46 14.65 -11.85 11.12
CA TRP A 46 13.84 -12.90 11.74
C TRP A 46 12.46 -12.97 11.08
N PHE A 47 12.06 -14.19 10.72
CA PHE A 47 10.80 -14.45 10.00
C PHE A 47 9.99 -15.53 10.68
N VAL A 48 8.67 -15.50 10.48
CA VAL A 48 7.80 -16.63 10.80
C VAL A 48 8.29 -17.86 10.04
N PRO A 49 8.01 -19.08 10.55
CA PRO A 49 8.36 -20.27 9.78
C PRO A 49 7.55 -20.36 8.47
N GLY A 50 8.11 -21.05 7.48
CA GLY A 50 7.41 -21.30 6.21
C GLY A 50 8.32 -21.85 5.12
N GLY A 51 7.79 -21.96 3.92
CA GLY A 51 8.55 -22.48 2.80
C GLY A 51 7.73 -22.46 1.53
N ARG A 52 8.40 -22.67 0.40
CA ARG A 52 7.71 -22.56 -0.88
C ARG A 52 7.02 -23.86 -1.26
N VAL A 53 5.91 -23.70 -1.99
CA VAL A 53 5.18 -24.83 -2.58
C VAL A 53 5.89 -25.24 -3.86
N GLN A 54 6.08 -26.54 -4.02
CA GLN A 54 6.85 -27.07 -5.14
C GLN A 54 5.94 -27.52 -6.28
N LYS A 55 6.53 -27.66 -7.46
CA LYS A 55 5.81 -28.13 -8.66
C LYS A 55 5.04 -29.42 -8.41
N ASP A 56 3.76 -29.40 -8.79
CA ASP A 56 2.87 -30.56 -8.70
C ASP A 56 2.61 -31.06 -7.28
N GLU A 57 2.92 -30.22 -6.29
CA GLU A 57 2.57 -30.49 -4.90
C GLU A 57 1.29 -29.74 -4.55
N THR A 58 0.35 -30.44 -3.91
CA THR A 58 -0.87 -29.77 -3.43
C THR A 58 -0.55 -28.91 -2.22
N LEU A 59 -1.42 -27.94 -1.95
CA LEU A 59 -1.31 -27.11 -0.76
C LEU A 59 -1.39 -27.98 0.49
N GLU A 60 -2.28 -28.97 0.43
CA GLU A 60 -2.51 -29.89 1.55
C GLU A 60 -1.23 -30.66 1.91
N ALA A 61 -0.56 -31.19 0.89
CA ALA A 61 0.71 -31.91 1.07
C ALA A 61 1.83 -30.98 1.51
N ALA A 62 1.85 -29.77 0.96
CA ALA A 62 2.86 -28.76 1.31
C ALA A 62 2.76 -28.40 2.78
N PHE A 63 1.54 -28.17 3.25
CA PHE A 63 1.30 -27.80 4.64
C PHE A 63 1.87 -28.87 5.57
N GLU A 64 1.54 -30.12 5.28
CA GLU A 64 2.01 -31.26 6.08
C GLU A 64 3.52 -31.42 6.06
N ARG A 65 4.12 -31.27 4.88
CA ARG A 65 5.57 -31.35 4.71
C ARG A 65 6.29 -30.21 5.44
N LEU A 66 5.76 -29.00 5.29
CA LEU A 66 6.42 -27.80 5.84
C LEU A 66 6.26 -27.65 7.34
N THR A 67 5.11 -28.04 7.88
CA THR A 67 4.91 -28.05 9.32
C THR A 67 5.86 -29.05 10.00
N MET A 68 6.10 -30.18 9.33
CA MET A 68 7.03 -31.17 9.85
C MET A 68 8.48 -30.68 9.73
N ALA A 69 8.82 -30.13 8.57
CA ALA A 69 10.18 -29.66 8.32
C ALA A 69 10.53 -28.47 9.20
N GLU A 70 9.61 -27.50 9.28
CA GLU A 70 9.86 -26.23 9.95
C GLU A 70 9.67 -26.29 11.45
N LEU A 71 8.67 -27.05 11.90
CA LEU A 71 8.27 -27.08 13.30
C LEU A 71 8.59 -28.39 14.01
N GLY A 72 8.86 -29.43 13.24
CA GLY A 72 9.09 -30.77 13.79
C GLY A 72 7.81 -31.50 14.17
N LEU A 73 6.68 -30.97 13.71
CA LEU A 73 5.37 -31.53 13.99
C LEU A 73 4.50 -31.52 12.73
N ARG A 74 4.16 -32.71 12.23
CA ARG A 74 3.37 -32.85 11.02
C ARG A 74 1.90 -32.51 11.33
N LEU A 75 1.45 -31.39 10.78
CA LEU A 75 0.07 -30.93 10.98
C LEU A 75 -0.68 -30.92 9.65
N PRO A 76 -1.96 -31.33 9.66
CA PRO A 76 -2.79 -31.23 8.45
C PRO A 76 -3.24 -29.79 8.22
N ILE A 77 -3.56 -29.46 6.97
CA ILE A 77 -4.01 -28.10 6.60
C ILE A 77 -5.25 -27.66 7.41
N THR A 78 -6.04 -28.62 7.85
CA THR A 78 -7.26 -28.36 8.62
C THR A 78 -6.98 -27.78 10.01
N ALA A 79 -5.77 -28.02 10.52
CA ALA A 79 -5.34 -27.47 11.80
C ALA A 79 -5.00 -25.98 11.72
N GLY A 80 -4.81 -25.48 10.50
CA GLY A 80 -4.46 -24.08 10.28
C GLY A 80 -5.66 -23.21 9.97
N GLN A 81 -5.62 -21.98 10.48
CA GLN A 81 -6.61 -20.96 10.14
C GLN A 81 -6.05 -20.13 8.98
N PHE A 82 -6.66 -20.25 7.81
CA PHE A 82 -6.25 -19.45 6.65
C PHE A 82 -6.20 -17.98 7.02
N TYR A 83 -5.09 -17.34 6.70
CA TYR A 83 -4.82 -15.99 7.16
C TYR A 83 -4.45 -15.03 6.03
N GLY A 84 -5.07 -15.23 4.87
CA GLY A 84 -4.95 -14.29 3.75
C GLY A 84 -3.87 -14.62 2.75
N VAL A 85 -3.91 -13.91 1.62
CA VAL A 85 -2.88 -14.04 0.60
C VAL A 85 -2.03 -12.77 0.64
N TRP A 86 -0.74 -12.94 0.95
CA TRP A 86 0.18 -11.81 1.04
C TRP A 86 1.20 -11.83 -0.09
N GLN A 87 2.00 -10.77 -0.21
CA GLN A 87 3.00 -10.67 -1.27
C GLN A 87 4.28 -10.09 -0.70
N HIS A 88 5.38 -10.81 -0.91
CA HIS A 88 6.70 -10.42 -0.39
C HIS A 88 7.69 -10.22 -1.52
N PHE A 89 8.29 -9.03 -1.56
CA PHE A 89 9.25 -8.67 -2.59
C PHE A 89 10.61 -8.48 -1.95
N TYR A 90 11.63 -9.16 -2.46
CA TYR A 90 12.99 -9.05 -1.92
C TYR A 90 13.93 -8.53 -2.99
N ASP A 91 14.71 -7.53 -2.62
CA ASP A 91 15.60 -6.87 -3.58
C ASP A 91 16.79 -7.78 -3.95
N ASP A 92 16.92 -8.92 -3.28
CA ASP A 92 17.94 -9.92 -3.61
C ASP A 92 17.39 -11.33 -3.77
N ASN A 93 18.29 -12.31 -3.90
CA ASN A 93 17.89 -13.70 -4.09
C ASN A 93 18.86 -14.70 -3.45
N PHE A 94 18.43 -15.96 -3.39
CA PHE A 94 19.25 -17.05 -2.84
C PHE A 94 20.74 -17.00 -3.20
N SER A 95 21.05 -16.52 -4.42
CA SER A 95 22.42 -16.59 -4.95
C SER A 95 23.17 -15.26 -5.11
N GLY A 96 22.64 -14.17 -4.54
CA GLY A 96 23.28 -12.86 -4.64
C GLY A 96 22.32 -11.70 -4.85
N THR A 97 22.82 -10.63 -5.49
CA THR A 97 22.05 -9.40 -5.64
C THR A 97 21.72 -9.03 -7.10
N ASP A 98 21.92 -9.97 -8.02
CA ASP A 98 21.73 -9.70 -9.45
C ASP A 98 20.25 -9.64 -9.89
N PHE A 99 19.37 -10.22 -9.11
CA PHE A 99 17.93 -10.15 -9.38
C PHE A 99 17.09 -10.25 -8.12
N THR A 100 15.82 -9.89 -8.25
CA THR A 100 14.89 -9.82 -7.13
C THR A 100 14.20 -11.16 -6.87
N THR A 101 13.61 -11.32 -5.69
CA THR A 101 12.75 -12.46 -5.39
C THR A 101 11.33 -11.97 -5.11
N HIS A 102 10.35 -12.72 -5.61
CA HIS A 102 8.94 -12.39 -5.45
C HIS A 102 8.17 -13.62 -4.93
N TYR A 103 7.53 -13.46 -3.76
CA TYR A 103 6.65 -14.49 -3.19
C TYR A 103 5.19 -14.06 -3.17
N VAL A 104 4.32 -14.96 -3.62
CA VAL A 104 2.91 -14.88 -3.27
C VAL A 104 2.71 -15.88 -2.13
N VAL A 105 2.21 -15.37 -1.01
CA VAL A 105 2.22 -16.11 0.25
C VAL A 105 0.84 -16.40 0.80
N LEU A 106 0.63 -17.66 1.16
CA LEU A 106 -0.56 -18.09 1.85
C LEU A 106 -0.22 -18.20 3.34
N GLY A 107 -0.82 -17.35 4.16
CA GLY A 107 -0.60 -17.36 5.60
C GLY A 107 -1.56 -18.30 6.29
N PHE A 108 -1.07 -18.98 7.33
CA PHE A 108 -1.90 -19.84 8.16
C PHE A 108 -1.58 -19.62 9.63
N ARG A 109 -2.63 -19.41 10.43
CA ARG A 109 -2.50 -19.20 11.87
C ARG A 109 -2.93 -20.43 12.65
N PHE A 110 -2.13 -20.79 13.65
CA PHE A 110 -2.51 -21.85 14.61
C PHE A 110 -1.72 -21.77 15.91
N ARG A 111 -2.24 -22.48 16.92
CA ARG A 111 -1.67 -22.50 18.25
C ARG A 111 -1.03 -23.86 18.50
N VAL A 112 0.12 -23.85 19.18
CA VAL A 112 0.85 -25.09 19.50
C VAL A 112 1.25 -25.11 20.97
N SER A 113 1.58 -26.31 21.46
CA SER A 113 2.29 -26.46 22.72
C SER A 113 3.77 -26.33 22.42
N GLU A 114 4.40 -25.30 22.97
CA GLU A 114 5.80 -24.98 22.70
C GLU A 114 6.76 -26.15 22.93
N GLU A 115 6.58 -26.87 24.03
CA GLU A 115 7.49 -27.97 24.38
C GLU A 115 7.35 -29.20 23.47
N GLU A 116 6.30 -29.23 22.65
CA GLU A 116 6.04 -30.33 21.72
C GLU A 116 6.69 -30.19 20.35
N LEU A 117 7.32 -29.05 20.08
CA LEU A 117 7.97 -28.82 18.80
C LEU A 117 9.41 -29.30 18.82
N LEU A 118 9.93 -29.66 17.65
CA LEU A 118 11.32 -30.09 17.50
C LEU A 118 12.18 -28.99 16.89
N ASP A 126 18.79 -19.42 14.46
CA ASP A 126 18.10 -19.82 15.69
C ASP A 126 16.66 -19.29 15.78
N TYR A 127 16.00 -19.58 16.91
CA TYR A 127 14.58 -19.29 17.09
C TYR A 127 14.30 -18.50 18.36
N ARG A 128 13.16 -17.79 18.36
CA ARG A 128 12.68 -17.04 19.53
C ARG A 128 11.16 -16.99 19.53
N TRP A 129 10.59 -17.04 20.74
CA TRP A 129 9.15 -16.82 20.94
C TRP A 129 8.94 -15.38 21.39
N LEU A 130 8.21 -14.62 20.56
CA LEU A 130 8.01 -13.19 20.82
C LEU A 130 6.53 -12.80 20.82
N THR A 131 6.15 -11.93 21.74
CA THR A 131 4.82 -11.34 21.73
C THR A 131 4.75 -10.43 20.51
N SER A 132 3.55 -10.11 20.05
CA SER A 132 3.38 -9.20 18.90
C SER A 132 3.98 -7.83 19.19
N ASP A 133 3.81 -7.38 20.42
CA ASP A 133 4.34 -6.10 20.84
C ASP A 133 5.88 -6.08 20.78
N ALA A 134 6.50 -7.21 21.15
CA ALA A 134 7.95 -7.37 21.06
C ALA A 134 8.43 -7.44 19.61
N LEU A 135 7.86 -8.36 18.83
CA LEU A 135 8.25 -8.54 17.43
C LEU A 135 8.06 -7.26 16.60
N LEU A 136 6.99 -6.51 16.88
CA LEU A 136 6.71 -5.27 16.15
C LEU A 136 7.68 -4.14 16.49
N ALA A 137 8.18 -4.13 17.72
CA ALA A 137 9.14 -3.11 18.16
C ALA A 137 10.58 -3.48 17.79
N SER A 138 10.77 -4.70 17.27
CA SER A 138 12.10 -5.19 16.93
C SER A 138 12.55 -4.77 15.53
N ASP A 139 13.80 -4.33 15.45
CA ASP A 139 14.42 -3.94 14.18
C ASP A 139 15.03 -5.13 13.43
N ASN A 140 15.05 -6.30 14.08
CA ASN A 140 15.59 -7.53 13.50
C ASN A 140 14.51 -8.43 12.89
N VAL A 141 13.26 -8.23 13.32
CA VAL A 141 12.11 -8.93 12.74
C VAL A 141 11.71 -8.18 11.46
N HIS A 142 11.70 -8.90 10.34
CA HIS A 142 11.51 -8.28 9.02
C HIS A 142 10.10 -7.70 8.86
N ALA A 143 10.00 -6.65 8.03
CA ALA A 143 8.74 -5.99 7.72
C ALA A 143 7.66 -6.94 7.18
N ASN A 144 8.06 -7.94 6.39
CA ASN A 144 7.13 -8.93 5.85
C ASN A 144 6.49 -9.78 6.95
N SER A 145 7.21 -10.00 8.02
CA SER A 145 6.71 -10.77 9.15
C SER A 145 5.91 -9.91 10.12
N ARG A 146 6.37 -8.68 10.36
CA ARG A 146 5.65 -7.71 11.21
C ARG A 146 4.24 -7.40 10.66
N ALA A 147 4.12 -7.36 9.34
CA ALA A 147 2.85 -7.04 8.66
C ALA A 147 1.68 -7.90 9.11
N TYR A 148 1.94 -9.16 9.43
CA TYR A 148 0.92 -10.06 9.94
C TYR A 148 0.26 -9.55 11.23
N PHE A 149 0.93 -8.64 11.93
CA PHE A 149 0.50 -8.22 13.26
C PHE A 149 0.11 -6.75 13.32
N LEU A 150 0.10 -6.11 12.14
CA LEU A 150 -0.27 -4.70 12.03
C LEU A 150 -1.65 -4.57 11.40
N ALA A 151 -2.49 -3.73 12.02
CA ALA A 151 -3.88 -3.51 11.57
C ALA A 151 -3.96 -2.86 10.18
N GLU A 152 -3.10 -1.88 9.93
CA GLU A 152 -3.04 -1.18 8.63
C GLU A 152 -2.75 -2.13 7.47
N LYS A 153 -2.07 -3.24 7.78
CA LYS A 153 -1.60 -4.17 6.76
C LYS A 153 -2.62 -5.26 6.40
N ARG A 154 -3.49 -5.61 7.34
CA ARG A 154 -4.52 -6.63 7.10
C ARG A 154 -5.65 -6.14 6.19
N THR A 155 -5.77 -4.82 6.04
CA THR A 155 -6.77 -4.24 5.14
C THR A 155 -6.40 -4.50 3.68
N GLY A 156 -7.36 -5.02 2.91
CA GLY A 156 -7.16 -5.28 1.49
C GLY A 156 -6.49 -6.60 1.18
N VAL A 157 -6.08 -7.34 2.21
CA VAL A 157 -5.53 -8.67 2.03
C VAL A 157 -6.65 -9.64 1.66
N PRO A 158 -6.58 -10.27 0.47
CA PRO A 158 -7.62 -11.24 0.08
C PRO A 158 -7.68 -12.40 1.07
N GLY A 159 -8.88 -12.76 1.51
CA GLY A 159 -9.07 -13.89 2.43
C GLY A 159 -9.03 -13.53 3.90
N LEU A 160 -8.81 -12.24 4.20
CA LEU A 160 -8.93 -11.72 5.56
C LEU A 160 -10.12 -10.78 5.67
N ARG B 5 10.75 -14.82 -22.47
CA ARG B 5 11.24 -15.68 -23.59
C ARG B 5 10.86 -17.15 -23.38
N GLN B 6 10.68 -17.88 -24.49
CA GLN B 6 10.06 -19.21 -24.44
C GLN B 6 10.90 -20.32 -23.80
N GLU B 7 12.22 -20.27 -23.98
CA GLU B 7 13.12 -21.28 -23.37
C GLU B 7 13.07 -21.16 -21.86
N ASP B 8 12.95 -19.93 -21.37
CA ASP B 8 12.87 -19.65 -19.95
C ASP B 8 11.49 -19.94 -19.37
N PHE B 9 10.43 -19.60 -20.11
CA PHE B 9 9.07 -19.90 -19.62
C PHE B 9 8.83 -21.41 -19.53
N ALA B 10 9.34 -22.17 -20.50
CA ALA B 10 9.30 -23.64 -20.45
C ALA B 10 9.96 -24.16 -19.18
N THR B 11 11.13 -23.62 -18.85
CA THR B 11 11.85 -23.98 -17.62
C THR B 11 11.05 -23.61 -16.37
N VAL B 12 10.40 -22.45 -16.41
CA VAL B 12 9.57 -22.00 -15.31
C VAL B 12 8.41 -22.98 -15.10
N VAL B 13 7.68 -23.28 -16.17
CA VAL B 13 6.50 -24.15 -16.10
C VAL B 13 6.89 -25.56 -15.62
N ARG B 14 7.98 -26.09 -16.19
CA ARG B 14 8.51 -27.40 -15.79
C ARG B 14 8.87 -27.45 -14.31
N SER B 15 9.28 -26.32 -13.75
CA SER B 15 9.93 -26.25 -12.42
C SER B 15 9.09 -25.77 -11.23
N THR B 16 8.01 -25.02 -11.48
CA THR B 16 7.32 -24.32 -10.39
C THR B 16 5.83 -24.02 -10.67
N PRO B 17 4.97 -23.94 -9.62
CA PRO B 17 3.60 -23.46 -9.84
C PRO B 17 3.52 -22.03 -10.37
N LEU B 18 2.65 -21.85 -11.36
CA LEU B 18 2.32 -20.52 -11.84
C LEU B 18 1.30 -19.94 -10.88
N VAL B 19 1.32 -18.63 -10.69
CA VAL B 19 0.28 -17.94 -9.91
C VAL B 19 -0.61 -17.19 -10.89
N SER B 20 -1.91 -17.41 -10.75
CA SER B 20 -2.91 -16.74 -11.60
C SER B 20 -4.09 -16.23 -10.81
N LEU B 21 -4.87 -15.38 -11.46
CA LEU B 21 -6.15 -14.95 -10.96
C LEU B 21 -7.21 -15.43 -11.94
N ASP B 22 -8.29 -15.99 -11.42
CA ASP B 22 -9.44 -16.40 -12.22
C ASP B 22 -10.64 -15.54 -11.84
N PHE B 23 -11.42 -15.16 -12.84
CA PHE B 23 -12.59 -14.31 -12.58
C PHE B 23 -13.91 -15.02 -12.82
N ILE B 24 -14.73 -15.07 -11.77
CA ILE B 24 -16.09 -15.57 -11.86
C ILE B 24 -16.98 -14.34 -12.05
N VAL B 25 -17.34 -14.12 -13.31
CA VAL B 25 -17.99 -12.88 -13.73
C VAL B 25 -19.44 -13.15 -14.07
N GLU B 26 -20.34 -12.53 -13.32
CA GLU B 26 -21.78 -12.67 -13.51
C GLU B 26 -22.35 -11.42 -14.18
N ASN B 27 -23.30 -11.61 -15.09
CA ASN B 27 -24.02 -10.49 -15.69
C ASN B 27 -25.38 -10.23 -15.04
N SER B 28 -26.21 -9.41 -15.69
CA SER B 28 -27.55 -9.10 -15.20
C SER B 28 -28.54 -10.26 -15.41
N ARG B 29 -28.14 -11.23 -16.24
CA ARG B 29 -28.97 -12.37 -16.58
C ARG B 29 -28.67 -13.61 -15.73
N GLY B 30 -27.77 -13.47 -14.77
CA GLY B 30 -27.36 -14.58 -13.89
C GLY B 30 -26.47 -15.57 -14.61
N GLU B 31 -25.92 -15.14 -15.75
CA GLU B 31 -25.02 -15.96 -16.54
C GLU B 31 -23.57 -15.61 -16.21
N PHE B 32 -22.65 -16.49 -16.57
CA PHE B 32 -21.23 -16.31 -16.25
C PHE B 32 -20.37 -16.32 -17.50
N LEU B 33 -19.35 -15.47 -17.51
CA LEU B 33 -18.52 -15.29 -18.69
C LEU B 33 -17.48 -16.41 -18.84
N LEU B 34 -17.38 -16.93 -20.06
CA LEU B 34 -16.40 -17.97 -20.40
C LEU B 34 -15.71 -17.61 -21.70
N GLY B 35 -14.44 -17.99 -21.81
CA GLY B 35 -13.64 -17.76 -23.00
C GLY B 35 -13.03 -19.05 -23.50
N LYS B 36 -12.89 -19.18 -24.82
CA LYS B 36 -12.30 -20.36 -25.43
C LYS B 36 -10.78 -20.31 -25.36
N ARG B 37 -10.18 -21.38 -24.87
CA ARG B 37 -8.73 -21.47 -24.82
C ARG B 37 -8.18 -21.96 -26.17
N THR B 38 -7.38 -21.12 -26.82
CA THR B 38 -6.84 -21.42 -28.16
C THR B 38 -5.60 -22.31 -28.13
N ASN B 39 -4.90 -22.29 -27.00
CA ASN B 39 -3.65 -23.05 -26.84
C ASN B 39 -3.63 -23.91 -25.58
N ARG B 40 -2.63 -24.77 -25.48
CA ARG B 40 -2.43 -25.67 -24.33
C ARG B 40 -2.08 -24.88 -23.07
N PRO B 41 -2.38 -25.43 -21.88
CA PRO B 41 -3.08 -26.67 -21.56
C PRO B 41 -4.61 -26.55 -21.73
N ALA B 42 -5.30 -27.68 -21.74
CA ALA B 42 -6.76 -27.74 -21.96
C ALA B 42 -7.19 -26.94 -23.19
N GLN B 43 -6.51 -27.22 -24.30
CA GLN B 43 -6.76 -26.58 -25.60
C GLN B 43 -8.19 -26.92 -26.08
N GLY B 44 -8.88 -25.91 -26.60
CA GLY B 44 -10.24 -26.10 -27.12
C GLY B 44 -11.36 -26.09 -26.08
N TYR B 45 -10.99 -26.18 -24.81
CA TYR B 45 -11.99 -26.10 -23.73
C TYR B 45 -12.35 -24.65 -23.40
N TRP B 46 -13.52 -24.45 -22.79
CA TRP B 46 -13.97 -23.12 -22.38
C TRP B 46 -13.69 -22.87 -20.89
N PHE B 47 -13.17 -21.69 -20.58
CA PHE B 47 -12.64 -21.38 -19.26
C PHE B 47 -13.08 -20.00 -18.80
N VAL B 48 -13.21 -19.81 -17.49
CA VAL B 48 -13.43 -18.47 -16.92
C VAL B 48 -12.25 -17.58 -17.30
N PRO B 49 -12.48 -16.26 -17.47
CA PRO B 49 -11.37 -15.39 -17.83
C PRO B 49 -10.36 -15.30 -16.70
N GLY B 50 -9.11 -15.01 -17.03
CA GLY B 50 -8.06 -14.92 -16.03
C GLY B 50 -6.70 -14.91 -16.67
N GLY B 51 -5.67 -14.98 -15.82
CA GLY B 51 -4.29 -14.93 -16.32
C GLY B 51 -3.28 -14.94 -15.20
N ARG B 52 -2.03 -15.18 -15.55
CA ARG B 52 -1.00 -15.31 -14.54
C ARG B 52 -0.45 -13.97 -14.04
N VAL B 53 0.01 -13.97 -12.80
CA VAL B 53 0.61 -12.80 -12.17
C VAL B 53 2.09 -12.78 -12.61
N GLN B 54 2.55 -11.60 -13.01
CA GLN B 54 3.90 -11.47 -13.55
C GLN B 54 4.93 -11.22 -12.44
N LYS B 55 6.20 -11.50 -12.76
CA LYS B 55 7.29 -11.29 -11.81
C LYS B 55 7.31 -9.83 -11.32
N ASP B 56 7.34 -9.68 -9.99
CA ASP B 56 7.39 -8.39 -9.30
C ASP B 56 6.14 -7.53 -9.46
N GLU B 57 5.06 -8.14 -9.94
CA GLU B 57 3.80 -7.45 -10.10
C GLU B 57 2.92 -7.69 -8.87
N THR B 58 2.30 -6.63 -8.33
CA THR B 58 1.41 -6.79 -7.18
C THR B 58 0.10 -7.43 -7.61
N LEU B 59 -0.60 -8.03 -6.66
CA LEU B 59 -1.92 -8.63 -6.92
C LEU B 59 -2.94 -7.56 -7.36
N GLU B 60 -2.78 -6.36 -6.79
CA GLU B 60 -3.63 -5.21 -7.11
C GLU B 60 -3.47 -4.84 -8.59
N ALA B 61 -2.23 -4.67 -9.02
CA ALA B 61 -1.92 -4.31 -10.41
C ALA B 61 -2.27 -5.43 -11.41
N ALA B 62 -1.97 -6.67 -11.04
CA ALA B 62 -2.37 -7.82 -11.85
C ALA B 62 -3.88 -7.86 -12.08
N PHE B 63 -4.64 -7.60 -11.02
CA PHE B 63 -6.10 -7.62 -11.06
C PHE B 63 -6.63 -6.57 -12.04
N GLU B 64 -6.08 -5.36 -11.95
CA GLU B 64 -6.44 -4.25 -12.83
C GLU B 64 -6.04 -4.52 -14.27
N ARG B 65 -4.85 -5.08 -14.48
CA ARG B 65 -4.34 -5.42 -15.81
C ARG B 65 -5.16 -6.53 -16.47
N LEU B 66 -5.51 -7.56 -15.68
CA LEU B 66 -6.21 -8.73 -16.21
C LEU B 66 -7.69 -8.49 -16.47
N THR B 67 -8.36 -7.70 -15.62
CA THR B 67 -9.75 -7.34 -15.89
C THR B 67 -9.84 -6.51 -17.16
N MET B 68 -8.92 -5.55 -17.30
CA MET B 68 -8.85 -4.74 -18.52
C MET B 68 -8.62 -5.60 -19.74
N ALA B 69 -7.58 -6.44 -19.68
CA ALA B 69 -7.21 -7.28 -20.81
C ALA B 69 -8.30 -8.31 -21.13
N GLU B 70 -8.73 -9.07 -20.13
CA GLU B 70 -9.64 -10.18 -20.33
C GLU B 70 -11.11 -9.76 -20.48
N LEU B 71 -11.54 -8.75 -19.72
CA LEU B 71 -12.94 -8.34 -19.72
C LEU B 71 -13.21 -7.06 -20.51
N GLY B 72 -12.15 -6.31 -20.82
CA GLY B 72 -12.29 -5.01 -21.46
C GLY B 72 -12.87 -3.96 -20.53
N LEU B 73 -12.67 -4.17 -19.23
CA LEU B 73 -13.16 -3.29 -18.18
C LEU B 73 -12.18 -3.38 -17.02
N ARG B 74 -11.45 -2.30 -16.77
CA ARG B 74 -10.50 -2.27 -15.67
C ARG B 74 -11.20 -2.10 -14.33
N LEU B 75 -11.07 -3.11 -13.49
CA LEU B 75 -11.61 -3.07 -12.14
C LEU B 75 -10.48 -3.18 -11.13
N PRO B 76 -10.64 -2.54 -9.95
CA PRO B 76 -9.68 -2.73 -8.87
C PRO B 76 -10.02 -3.97 -8.06
N ILE B 77 -9.01 -4.51 -7.36
CA ILE B 77 -9.15 -5.76 -6.60
C ILE B 77 -10.28 -5.71 -5.56
N THR B 78 -10.55 -4.50 -5.06
CA THR B 78 -11.61 -4.26 -4.08
C THR B 78 -13.01 -4.43 -4.67
N ALA B 79 -13.11 -4.40 -6.00
CA ALA B 79 -14.36 -4.69 -6.68
C ALA B 79 -14.68 -6.19 -6.67
N GLY B 80 -13.64 -7.02 -6.54
CA GLY B 80 -13.81 -8.47 -6.56
C GLY B 80 -14.00 -9.07 -5.18
N GLN B 81 -14.92 -10.03 -5.07
CA GLN B 81 -15.07 -10.82 -3.86
C GLN B 81 -14.10 -12.01 -3.93
N PHE B 82 -13.18 -12.10 -2.98
CA PHE B 82 -12.23 -13.21 -2.97
C PHE B 82 -12.94 -14.54 -2.94
N TYR B 83 -12.58 -15.42 -3.86
CA TYR B 83 -13.26 -16.69 -4.01
C TYR B 83 -12.33 -17.89 -3.76
N GLY B 84 -11.37 -17.71 -2.85
CA GLY B 84 -10.53 -18.81 -2.39
C GLY B 84 -9.31 -19.11 -3.24
N VAL B 85 -8.44 -19.97 -2.70
CA VAL B 85 -7.22 -20.38 -3.39
C VAL B 85 -7.43 -21.76 -4.00
N TRP B 86 -7.33 -21.83 -5.32
CA TRP B 86 -7.59 -23.07 -6.05
C TRP B 86 -6.30 -23.62 -6.66
N GLN B 87 -6.33 -24.88 -7.07
CA GLN B 87 -5.14 -25.55 -7.59
C GLN B 87 -5.48 -26.32 -8.84
N HIS B 88 -4.84 -25.96 -9.94
CA HIS B 88 -5.12 -26.62 -11.21
C HIS B 88 -3.88 -27.35 -11.70
N PHE B 89 -4.06 -28.60 -12.07
CA PHE B 89 -2.97 -29.47 -12.52
C PHE B 89 -3.31 -30.03 -13.89
N TYR B 90 -2.47 -29.74 -14.89
CA TYR B 90 -2.65 -30.22 -16.26
C TYR B 90 -1.49 -31.12 -16.66
N ASP B 91 -1.79 -32.15 -17.45
CA ASP B 91 -0.78 -33.10 -17.91
C ASP B 91 0.12 -32.54 -19.01
N ASP B 92 -0.33 -31.47 -19.65
CA ASP B 92 0.45 -30.84 -20.69
C ASP B 92 0.82 -29.39 -20.33
N ASN B 93 1.40 -28.68 -21.29
CA ASN B 93 1.81 -27.30 -21.10
C ASN B 93 1.71 -26.53 -22.42
N PHE B 94 1.93 -25.22 -22.37
CA PHE B 94 1.81 -24.36 -23.56
C PHE B 94 2.61 -24.80 -24.78
N SER B 95 3.73 -25.50 -24.55
CA SER B 95 4.63 -25.89 -25.64
C SER B 95 4.37 -27.31 -26.16
N GLY B 96 3.61 -28.10 -25.41
CA GLY B 96 3.33 -29.47 -25.83
C GLY B 96 3.03 -30.42 -24.70
N THR B 97 3.57 -31.64 -24.83
CA THR B 97 3.22 -32.76 -23.95
C THR B 97 4.40 -33.40 -23.20
N ASP B 98 5.52 -32.68 -23.14
CA ASP B 98 6.74 -33.17 -22.45
C ASP B 98 6.72 -32.95 -20.93
N PHE B 99 5.86 -32.06 -20.45
CA PHE B 99 5.79 -31.78 -19.01
C PHE B 99 4.48 -31.14 -18.61
N THR B 100 4.20 -31.21 -17.31
CA THR B 100 2.94 -30.80 -16.72
C THR B 100 2.89 -29.29 -16.44
N THR B 101 1.69 -28.78 -16.21
CA THR B 101 1.50 -27.39 -15.74
C THR B 101 0.76 -27.40 -14.41
N HIS B 102 1.19 -26.52 -13.51
CA HIS B 102 0.61 -26.42 -12.17
C HIS B 102 0.28 -24.95 -11.89
N TYR B 103 -1.00 -24.66 -11.67
CA TYR B 103 -1.47 -23.34 -11.29
C TYR B 103 -1.87 -23.30 -9.81
N VAL B 104 -1.44 -22.26 -9.10
CA VAL B 104 -2.05 -21.89 -7.82
C VAL B 104 -2.88 -20.65 -8.13
N VAL B 105 -4.19 -20.74 -7.89
CA VAL B 105 -5.16 -19.78 -8.44
C VAL B 105 -5.91 -18.99 -7.37
N LEU B 106 -5.85 -17.67 -7.46
CA LEU B 106 -6.68 -16.80 -6.62
C LEU B 106 -7.96 -16.46 -7.37
N GLY B 107 -9.07 -17.03 -6.91
CA GLY B 107 -10.37 -16.78 -7.54
C GLY B 107 -10.98 -15.50 -7.05
N PHE B 108 -11.65 -14.77 -7.94
CA PHE B 108 -12.44 -13.60 -7.56
C PHE B 108 -13.80 -13.61 -8.27
N ARG B 109 -14.83 -13.24 -7.51
CA ARG B 109 -16.19 -13.25 -8.01
C ARG B 109 -16.78 -11.84 -7.95
N PHE B 110 -17.38 -11.41 -9.06
CA PHE B 110 -18.03 -10.11 -9.11
C PHE B 110 -19.15 -10.07 -10.15
N ARG B 111 -19.98 -9.04 -10.06
CA ARG B 111 -21.16 -8.90 -10.91
C ARG B 111 -20.94 -7.68 -11.81
N VAL B 112 -21.24 -7.84 -13.10
CA VAL B 112 -21.00 -6.77 -14.08
C VAL B 112 -22.24 -6.46 -14.92
N SER B 113 -22.11 -5.43 -15.75
CA SER B 113 -23.09 -5.14 -16.79
C SER B 113 -22.52 -5.62 -18.12
N GLU B 114 -23.19 -6.61 -18.72
CA GLU B 114 -22.75 -7.22 -19.98
C GLU B 114 -22.32 -6.16 -20.98
N GLU B 115 -23.15 -5.13 -21.12
CA GLU B 115 -22.99 -4.09 -22.14
C GLU B 115 -21.65 -3.36 -22.06
N GLU B 116 -21.14 -3.19 -20.83
CA GLU B 116 -19.93 -2.39 -20.58
C GLU B 116 -18.63 -3.20 -20.63
N LEU B 117 -18.50 -4.08 -21.62
CA LEU B 117 -17.28 -4.87 -21.79
C LEU B 117 -16.69 -4.76 -23.20
N LEU B 118 -15.36 -4.66 -23.27
CA LEU B 118 -14.63 -4.75 -24.53
C LEU B 118 -14.13 -6.19 -24.74
N LEU B 119 -14.96 -6.99 -25.41
CA LEU B 119 -14.62 -8.39 -25.68
C LEU B 119 -14.28 -8.60 -27.16
N ASP B 126 -13.13 -16.52 -28.73
CA ASP B 126 -14.54 -16.17 -28.57
C ASP B 126 -14.95 -16.18 -27.08
N TYR B 127 -16.01 -15.45 -26.77
CA TYR B 127 -16.54 -15.37 -25.41
C TYR B 127 -18.02 -15.75 -25.43
N ARG B 128 -18.49 -16.33 -24.32
CA ARG B 128 -19.89 -16.74 -24.19
C ARG B 128 -20.38 -16.54 -22.76
N TRP B 129 -21.70 -16.34 -22.64
CA TRP B 129 -22.36 -16.20 -21.35
C TRP B 129 -23.27 -17.40 -21.10
N LEU B 130 -23.03 -18.09 -19.98
CA LEU B 130 -23.74 -19.31 -19.64
C LEU B 130 -24.30 -19.26 -18.23
N THR B 131 -25.55 -19.72 -18.07
CA THR B 131 -26.11 -19.87 -16.73
C THR B 131 -25.31 -20.94 -15.97
N SER B 132 -25.42 -20.92 -14.65
CA SER B 132 -24.78 -21.92 -13.80
C SER B 132 -25.10 -23.33 -14.30
N ASP B 133 -26.39 -23.60 -14.51
CA ASP B 133 -26.88 -24.91 -14.96
C ASP B 133 -26.35 -25.36 -16.33
N ALA B 134 -26.36 -24.45 -17.29
CA ALA B 134 -25.87 -24.74 -18.63
C ALA B 134 -24.35 -25.01 -18.65
N LEU B 135 -23.58 -24.25 -17.88
CA LEU B 135 -22.13 -24.44 -17.87
C LEU B 135 -21.73 -25.74 -17.16
N LEU B 136 -22.49 -26.11 -16.12
CA LEU B 136 -22.28 -27.36 -15.39
C LEU B 136 -22.58 -28.59 -16.23
N ALA B 137 -23.51 -28.45 -17.16
CA ALA B 137 -23.91 -29.54 -18.05
C ALA B 137 -23.11 -29.54 -19.35
N SER B 138 -22.33 -28.47 -19.56
CA SER B 138 -21.50 -28.35 -20.77
C SER B 138 -20.19 -29.13 -20.66
N ASP B 139 -19.99 -30.06 -21.57
CA ASP B 139 -18.80 -30.89 -21.60
C ASP B 139 -17.62 -30.16 -22.26
N ASN B 140 -17.93 -29.06 -22.94
CA ASN B 140 -16.90 -28.24 -23.58
C ASN B 140 -16.31 -27.19 -22.62
N VAL B 141 -16.93 -27.04 -21.45
CA VAL B 141 -16.38 -26.20 -20.38
C VAL B 141 -15.48 -27.10 -19.51
N HIS B 142 -14.24 -26.66 -19.28
CA HIS B 142 -13.28 -27.49 -18.56
C HIS B 142 -13.68 -27.75 -17.11
N ALA B 143 -13.38 -28.95 -16.62
CA ALA B 143 -13.67 -29.33 -15.25
C ALA B 143 -13.20 -28.30 -14.22
N ASN B 144 -12.08 -27.64 -14.51
CA ASN B 144 -11.48 -26.66 -13.59
C ASN B 144 -12.30 -25.38 -13.46
N SER B 145 -13.12 -25.10 -14.46
CA SER B 145 -14.07 -23.97 -14.41
C SER B 145 -15.43 -24.37 -13.83
N ARG B 146 -15.95 -25.53 -14.23
CA ARG B 146 -17.18 -26.05 -13.64
C ARG B 146 -17.04 -26.21 -12.12
N ALA B 147 -15.83 -26.54 -11.66
CA ALA B 147 -15.54 -26.71 -10.22
C ALA B 147 -15.94 -25.52 -9.37
N TYR B 148 -15.77 -24.31 -9.91
CA TYR B 148 -16.14 -23.08 -9.20
C TYR B 148 -17.62 -23.04 -8.81
N PHE B 149 -18.45 -23.77 -9.55
CA PHE B 149 -19.89 -23.76 -9.37
C PHE B 149 -20.42 -25.05 -8.74
N LEU B 150 -19.51 -25.88 -8.22
CA LEU B 150 -19.87 -27.11 -7.54
C LEU B 150 -19.59 -27.02 -6.04
N ALA B 151 -20.62 -27.27 -5.24
CA ALA B 151 -20.53 -27.21 -3.78
C ALA B 151 -19.45 -28.13 -3.18
N GLU B 152 -19.28 -29.31 -3.78
CA GLU B 152 -18.34 -30.31 -3.29
C GLU B 152 -16.89 -29.89 -3.46
N LYS B 153 -16.63 -29.07 -4.47
CA LYS B 153 -15.28 -28.60 -4.78
C LYS B 153 -14.86 -27.40 -3.94
N ARG B 154 -15.83 -26.63 -3.46
CA ARG B 154 -15.59 -25.46 -2.62
C ARG B 154 -15.11 -25.81 -1.22
N THR B 155 -15.51 -26.99 -0.74
CA THR B 155 -15.17 -27.44 0.61
C THR B 155 -13.67 -27.75 0.71
N GLY B 156 -13.02 -27.17 1.71
CA GLY B 156 -11.59 -27.36 1.92
C GLY B 156 -10.71 -26.46 1.06
N VAL B 157 -11.32 -25.46 0.42
CA VAL B 157 -10.57 -24.46 -0.35
C VAL B 157 -10.24 -23.33 0.60
N PRO B 158 -8.93 -23.05 0.81
CA PRO B 158 -8.53 -21.95 1.70
C PRO B 158 -9.17 -20.64 1.28
N GLY B 159 -9.84 -19.98 2.23
CA GLY B 159 -10.48 -18.70 1.94
C GLY B 159 -11.98 -18.80 1.66
N LEU B 160 -12.49 -20.02 1.59
CA LEU B 160 -13.93 -20.27 1.50
C LEU B 160 -14.46 -20.97 2.76
N MET C 2 5.41 0.23 14.49
CA MET C 2 6.79 0.53 14.97
C MET C 2 6.79 1.78 15.86
N PHE C 3 7.71 1.82 16.82
CA PHE C 3 7.90 3.01 17.66
C PHE C 3 9.36 3.47 17.72
N LEU C 4 9.54 4.77 17.97
CA LEU C 4 10.82 5.44 17.74
C LEU C 4 11.66 5.67 18.99
N ARG C 5 12.98 5.47 18.84
CA ARG C 5 13.92 5.89 19.86
C ARG C 5 14.36 7.34 19.64
N GLN C 6 15.01 7.91 20.66
CA GLN C 6 15.32 9.34 20.70
C GLN C 6 16.27 9.81 19.59
N GLU C 7 17.37 9.09 19.39
CA GLU C 7 18.35 9.47 18.35
C GLU C 7 17.73 9.45 16.96
N ASP C 8 16.81 8.52 16.73
CA ASP C 8 16.11 8.41 15.46
C ASP C 8 15.10 9.52 15.23
N PHE C 9 14.37 9.92 16.27
CA PHE C 9 13.45 11.05 16.15
C PHE C 9 14.22 12.36 15.99
N ALA C 10 15.39 12.44 16.64
CA ALA C 10 16.30 13.57 16.48
C ALA C 10 16.73 13.68 15.02
N THR C 11 17.13 12.54 14.46
CA THR C 11 17.51 12.43 13.04
C THR C 11 16.35 12.82 12.14
N VAL C 12 15.14 12.43 12.52
CA VAL C 12 13.93 12.77 11.76
C VAL C 12 13.68 14.28 11.75
N VAL C 13 13.50 14.86 12.94
CA VAL C 13 13.29 16.31 13.08
C VAL C 13 14.38 17.14 12.40
N ARG C 14 15.62 16.71 12.53
CA ARG C 14 16.76 17.39 11.93
C ARG C 14 16.70 17.41 10.40
N SER C 15 16.14 16.35 9.82
CA SER C 15 16.35 16.06 8.40
C SER C 15 15.16 16.32 7.48
N THR C 16 13.96 16.42 8.05
CA THR C 16 12.75 16.42 7.22
C THR C 16 11.58 17.13 7.93
N PRO C 17 10.61 17.66 7.15
CA PRO C 17 9.40 18.15 7.82
C PRO C 17 8.56 17.07 8.49
N LEU C 18 8.01 17.44 9.66
CA LEU C 18 7.01 16.63 10.33
C LEU C 18 5.66 16.94 9.69
N VAL C 19 4.75 15.98 9.73
CA VAL C 19 3.38 16.17 9.26
C VAL C 19 2.44 16.14 10.45
N SER C 20 1.60 17.17 10.59
CA SER C 20 0.68 17.24 11.70
C SER C 20 -0.72 17.66 11.30
N LEU C 21 -1.66 17.43 12.21
CA LEU C 21 -3.01 17.93 12.12
C LEU C 21 -3.22 18.93 13.24
N ASP C 22 -3.76 20.09 12.91
CA ASP C 22 -4.16 21.11 13.89
C ASP C 22 -5.68 21.22 13.88
N PHE C 23 -6.26 21.38 15.06
CA PHE C 23 -7.71 21.46 15.17
C PHE C 23 -8.17 22.84 15.65
N ILE C 24 -8.97 23.50 14.83
CA ILE C 24 -9.62 24.75 15.21
C ILE C 24 -10.98 24.38 15.81
N VAL C 25 -11.01 24.31 17.14
CA VAL C 25 -12.15 23.76 17.88
C VAL C 25 -12.99 24.89 18.49
N GLU C 26 -14.22 25.00 18.01
CA GLU C 26 -15.13 26.08 18.44
C GLU C 26 -16.20 25.51 19.37
N ASN C 27 -16.51 26.24 20.43
CA ASN C 27 -17.61 25.85 21.34
C ASN C 27 -18.90 26.59 21.00
N SER C 28 -19.89 26.49 21.88
CA SER C 28 -21.21 27.11 21.68
C SER C 28 -21.16 28.64 21.74
N ARG C 29 -20.16 29.19 22.44
CA ARG C 29 -20.03 30.64 22.60
C ARG C 29 -19.17 31.29 21.52
N GLY C 30 -18.77 30.51 20.52
CA GLY C 30 -17.88 31.00 19.47
C GLY C 30 -16.47 31.23 19.94
N GLU C 31 -16.08 30.50 21.00
CA GLU C 31 -14.73 30.55 21.52
C GLU C 31 -13.94 29.36 21.00
N PHE C 32 -12.61 29.44 21.04
CA PHE C 32 -11.76 28.40 20.48
C PHE C 32 -10.82 27.83 21.53
N LEU C 33 -10.60 26.52 21.45
CA LEU C 33 -9.79 25.80 22.41
C LEU C 33 -8.29 26.00 22.15
N LEU C 34 -7.57 26.33 23.22
CA LEU C 34 -6.14 26.52 23.21
C LEU C 34 -5.54 25.81 24.41
N GLY C 35 -4.41 25.17 24.22
CA GLY C 35 -3.69 24.49 25.30
C GLY C 35 -2.29 25.06 25.49
N LYS C 36 -1.82 25.05 26.73
CA LYS C 36 -0.48 25.56 27.02
C LYS C 36 0.55 24.46 26.81
N ARG C 37 1.55 24.73 25.98
CA ARG C 37 2.66 23.81 25.77
C ARG C 37 3.65 23.89 26.92
N THR C 38 3.96 22.73 27.50
CA THR C 38 4.81 22.64 28.70
C THR C 38 6.22 22.13 28.36
N ASN C 39 6.43 21.74 27.11
CA ASN C 39 7.74 21.28 26.65
C ASN C 39 8.12 21.99 25.36
N ARG C 40 9.38 21.83 24.95
CA ARG C 40 9.87 22.33 23.66
C ARG C 40 9.23 21.54 22.52
N PRO C 41 9.09 22.15 21.31
CA PRO C 41 9.45 23.52 20.90
C PRO C 41 8.45 24.60 21.33
N ALA C 42 8.93 25.85 21.42
CA ALA C 42 8.12 27.01 21.81
C ALA C 42 7.36 26.77 23.11
N GLN C 43 8.07 26.25 24.10
CA GLN C 43 7.55 26.01 25.45
C GLN C 43 6.93 27.28 26.04
N GLY C 44 5.77 27.13 26.68
CA GLY C 44 5.11 28.24 27.37
C GLY C 44 4.04 28.93 26.57
N TYR C 45 4.09 28.76 25.25
CA TYR C 45 3.10 29.36 24.36
C TYR C 45 1.83 28.52 24.30
N TRP C 46 0.72 29.17 23.93
CA TRP C 46 -0.58 28.50 23.78
C TRP C 46 -0.86 28.18 22.31
N PHE C 47 -1.32 26.95 22.06
CA PHE C 47 -1.60 26.47 20.71
C PHE C 47 -2.96 25.79 20.64
N VAL C 48 -3.56 25.81 19.44
CA VAL C 48 -4.70 24.93 19.13
C VAL C 48 -4.28 23.48 19.38
N PRO C 49 -5.23 22.58 19.69
CA PRO C 49 -4.87 21.16 19.84
C PRO C 49 -4.40 20.54 18.52
N GLY C 50 -3.66 19.44 18.60
CA GLY C 50 -3.24 18.72 17.40
C GLY C 50 -2.05 17.80 17.63
N GLY C 51 -1.53 17.22 16.56
CA GLY C 51 -0.44 16.28 16.71
C GLY C 51 0.05 15.77 15.39
N ARG C 52 1.20 15.10 15.43
CA ARG C 52 1.82 14.67 14.19
C ARG C 52 1.31 13.31 13.72
N VAL C 53 1.26 13.17 12.40
CA VAL C 53 0.84 11.95 11.73
C VAL C 53 2.03 11.00 11.74
N GLN C 54 1.77 9.74 12.10
CA GLN C 54 2.83 8.74 12.29
C GLN C 54 3.09 7.96 11.00
N LYS C 55 4.22 7.28 10.95
CA LYS C 55 4.60 6.46 9.80
C LYS C 55 3.55 5.39 9.50
N ASP C 56 3.13 5.33 8.24
CA ASP C 56 2.14 4.38 7.72
C ASP C 56 0.74 4.56 8.30
N GLU C 57 0.50 5.70 8.94
CA GLU C 57 -0.81 6.02 9.45
C GLU C 57 -1.58 6.85 8.43
N THR C 58 -2.81 6.46 8.14
CA THR C 58 -3.63 7.27 7.25
C THR C 58 -4.03 8.56 7.97
N LEU C 59 -4.41 9.58 7.21
CA LEU C 59 -4.89 10.83 7.80
C LEU C 59 -6.21 10.58 8.54
N GLU C 60 -7.00 9.68 7.99
CA GLU C 60 -8.29 9.26 8.56
C GLU C 60 -8.13 8.72 9.99
N ALA C 61 -7.20 7.78 10.15
CA ALA C 61 -6.90 7.18 11.45
C ALA C 61 -6.21 8.17 12.40
N ALA C 62 -5.33 9.01 11.86
CA ALA C 62 -4.66 10.05 12.64
C ALA C 62 -5.67 11.01 13.24
N PHE C 63 -6.64 11.43 12.43
CA PHE C 63 -7.67 12.34 12.86
C PHE C 63 -8.45 11.74 14.05
N GLU C 64 -8.80 10.47 13.94
CA GLU C 64 -9.56 9.78 15.00
C GLU C 64 -8.72 9.60 16.26
N ARG C 65 -7.47 9.18 16.08
CA ARG C 65 -6.55 8.99 17.20
C ARG C 65 -6.29 10.30 17.94
N LEU C 66 -6.02 11.36 17.17
CA LEU C 66 -5.67 12.66 17.74
C LEU C 66 -6.86 13.44 18.33
N THR C 67 -8.05 13.29 17.75
CA THR C 67 -9.23 13.89 18.35
C THR C 67 -9.55 13.25 19.70
N MET C 68 -9.36 11.93 19.79
CA MET C 68 -9.54 11.21 21.06
C MET C 68 -8.47 11.59 22.09
N ALA C 69 -7.21 11.64 21.64
CA ALA C 69 -6.09 11.93 22.52
C ALA C 69 -6.08 13.37 23.01
N GLU C 70 -6.35 14.30 22.09
CA GLU C 70 -6.25 15.74 22.37
C GLU C 70 -7.51 16.33 22.99
N LEU C 71 -8.68 15.78 22.65
CA LEU C 71 -9.96 16.35 23.07
C LEU C 71 -10.77 15.45 24.01
N GLY C 72 -10.41 14.17 24.04
CA GLY C 72 -11.16 13.17 24.80
C GLY C 72 -12.35 12.62 24.03
N LEU C 73 -12.48 13.04 22.77
CA LEU C 73 -13.60 12.66 21.93
C LEU C 73 -13.14 12.20 20.54
N ARG C 74 -13.41 10.94 20.21
CA ARG C 74 -13.02 10.38 18.92
C ARG C 74 -13.99 10.80 17.81
N LEU C 75 -13.53 11.69 16.95
CA LEU C 75 -14.30 12.16 15.81
C LEU C 75 -13.71 11.63 14.50
N PRO C 76 -14.57 11.33 13.50
CA PRO C 76 -14.06 10.91 12.19
C PRO C 76 -13.68 12.13 11.35
N ILE C 77 -12.79 11.92 10.39
CA ILE C 77 -12.29 13.01 9.54
C ILE C 77 -13.43 13.81 8.85
N THR C 78 -14.59 13.17 8.69
CA THR C 78 -15.76 13.78 8.07
C THR C 78 -16.42 14.85 8.95
N ALA C 79 -16.11 14.84 10.25
CA ALA C 79 -16.62 15.84 11.19
C ALA C 79 -15.91 17.19 11.03
N GLY C 80 -14.68 17.14 10.55
CA GLY C 80 -13.87 18.35 10.37
C GLY C 80 -14.04 18.99 9.02
N GLN C 81 -13.89 20.31 8.99
CA GLN C 81 -13.87 21.08 7.76
C GLN C 81 -12.41 21.38 7.43
N PHE C 82 -11.92 20.84 6.31
CA PHE C 82 -10.53 21.06 5.91
C PHE C 82 -10.25 22.55 5.81
N TYR C 83 -9.18 22.97 6.46
CA TYR C 83 -8.90 24.38 6.64
C TYR C 83 -7.50 24.77 6.15
N GLY C 84 -7.04 24.05 5.13
CA GLY C 84 -5.84 24.45 4.41
C GLY C 84 -4.58 23.77 4.89
N VAL C 85 -3.52 23.95 4.11
CA VAL C 85 -2.20 23.39 4.42
C VAL C 85 -1.30 24.52 4.89
N TRP C 86 -0.83 24.42 6.13
CA TRP C 86 -0.02 25.49 6.72
C TRP C 86 1.39 24.99 6.98
N GLN C 87 2.29 25.90 7.36
CA GLN C 87 3.68 25.55 7.58
C GLN C 87 4.22 26.25 8.82
N HIS C 88 4.73 25.47 9.77
CA HIS C 88 5.23 25.97 11.04
C HIS C 88 6.71 25.68 11.20
N PHE C 89 7.49 26.73 11.48
CA PHE C 89 8.92 26.61 11.68
C PHE C 89 9.27 27.06 13.09
N TYR C 90 10.00 26.22 13.83
CA TYR C 90 10.43 26.56 15.20
C TYR C 90 11.93 26.53 15.26
N ASP C 91 12.51 27.54 15.91
CA ASP C 91 13.97 27.63 16.01
C ASP C 91 14.59 26.59 16.96
N ASP C 92 13.73 25.87 17.68
CA ASP C 92 14.19 24.81 18.60
C ASP C 92 13.47 23.49 18.36
N ASN C 93 13.79 22.50 19.19
CA ASN C 93 13.21 21.17 19.05
C ASN C 93 12.90 20.51 20.39
N PHE C 94 12.24 19.35 20.32
CA PHE C 94 11.87 18.57 21.51
C PHE C 94 13.00 18.37 22.53
N SER C 95 14.25 18.36 22.07
CA SER C 95 15.39 18.01 22.92
C SER C 95 16.34 19.17 23.23
N GLY C 96 16.02 20.37 22.77
CA GLY C 96 16.90 21.53 22.99
C GLY C 96 16.92 22.54 21.86
N THR C 97 18.06 23.21 21.69
CA THR C 97 18.20 24.33 20.77
C THR C 97 19.21 24.07 19.65
N ASP C 98 19.62 22.80 19.55
CA ASP C 98 20.65 22.37 18.60
C ASP C 98 20.24 22.43 17.14
N PHE C 99 18.96 22.17 16.87
CA PHE C 99 18.42 22.21 15.53
C PHE C 99 16.97 22.67 15.56
N THR C 100 16.42 22.95 14.37
CA THR C 100 15.09 23.50 14.21
C THR C 100 14.02 22.41 14.03
N THR C 101 12.75 22.78 14.18
CA THR C 101 11.63 21.89 13.89
C THR C 101 10.76 22.50 12.79
N HIS C 102 10.33 21.65 11.86
CA HIS C 102 9.53 22.06 10.70
C HIS C 102 8.29 21.17 10.60
N TYR C 103 7.10 21.80 10.63
CA TYR C 103 5.83 21.10 10.40
C TYR C 103 5.18 21.52 9.09
N VAL C 104 4.62 20.56 8.38
CA VAL C 104 3.59 20.84 7.38
C VAL C 104 2.28 20.38 8.00
N VAL C 105 1.33 21.31 8.05
CA VAL C 105 0.16 21.14 8.90
C VAL C 105 -1.13 21.14 8.10
N LEU C 106 -1.95 20.12 8.32
CA LEU C 106 -3.30 20.08 7.81
C LEU C 106 -4.23 20.58 8.91
N GLY C 107 -4.88 21.72 8.64
CA GLY C 107 -5.81 22.30 9.60
C GLY C 107 -7.21 21.78 9.37
N PHE C 108 -7.96 21.60 10.45
CA PHE C 108 -9.35 21.15 10.38
C PHE C 108 -10.20 21.95 11.35
N ARG C 109 -11.33 22.45 10.87
CA ARG C 109 -12.27 23.23 11.70
C ARG C 109 -13.52 22.43 12.02
N PHE C 110 -13.93 22.46 13.29
CA PHE C 110 -15.21 21.90 13.71
C PHE C 110 -15.72 22.52 15.01
N ARG C 111 -17.01 22.33 15.26
CA ARG C 111 -17.66 22.79 16.48
C ARG C 111 -17.90 21.63 17.43
N VAL C 112 -17.79 21.90 18.72
CA VAL C 112 -18.07 20.90 19.75
C VAL C 112 -18.96 21.48 20.85
N SER C 113 -19.55 20.56 21.62
CA SER C 113 -20.22 20.93 22.87
C SER C 113 -19.14 20.87 23.94
N GLU C 114 -18.81 22.04 24.50
CA GLU C 114 -17.74 22.18 25.49
C GLU C 114 -17.88 21.21 26.67
N GLU C 115 -19.12 20.99 27.08
CA GLU C 115 -19.44 20.17 28.24
C GLU C 115 -19.13 18.69 28.01
N GLU C 116 -19.07 18.29 26.74
CA GLU C 116 -18.92 16.88 26.36
C GLU C 116 -17.48 16.43 26.10
N LEU C 117 -16.51 17.32 26.35
CA LEU C 117 -15.10 16.99 26.17
C LEU C 117 -14.46 16.52 27.48
N LEU C 118 -13.63 15.50 27.40
CA LEU C 118 -12.87 15.00 28.54
C LEU C 118 -11.39 15.36 28.38
N LEU C 119 -11.01 16.53 28.89
CA LEU C 119 -9.70 17.11 28.62
C LEU C 119 -8.55 16.50 29.43
N PRO C 120 -7.47 16.08 28.72
CA PRO C 120 -6.22 15.62 29.31
C PRO C 120 -5.17 16.72 29.40
N ASP C 121 -4.74 17.03 30.62
CA ASP C 121 -3.75 18.09 30.86
C ASP C 121 -2.36 17.52 31.12
N ASP C 126 -3.67 22.59 31.42
CA ASP C 126 -4.15 23.97 31.35
C ASP C 126 -4.68 24.32 29.96
N TYR C 127 -6.00 24.53 29.92
CA TYR C 127 -6.71 24.84 28.68
C TYR C 127 -7.56 26.09 28.85
N ARG C 128 -7.76 26.82 27.76
CA ARG C 128 -8.61 28.01 27.77
C ARG C 128 -9.46 28.07 26.51
N TRP C 129 -10.70 28.51 26.67
CA TRP C 129 -11.56 28.84 25.55
C TRP C 129 -11.44 30.35 25.33
N LEU C 130 -10.98 30.74 24.15
CA LEU C 130 -10.76 32.15 23.83
C LEU C 130 -11.49 32.54 22.55
N THR C 131 -12.06 33.74 22.53
CA THR C 131 -12.64 34.29 21.31
C THR C 131 -11.50 34.64 20.37
N SER C 132 -11.83 34.77 19.08
CA SER C 132 -10.89 35.19 18.05
C SER C 132 -10.10 36.42 18.50
N ASP C 133 -10.84 37.44 18.93
CA ASP C 133 -10.26 38.72 19.25
C ASP C 133 -9.43 38.66 20.56
N ALA C 134 -9.80 37.75 21.45
CA ALA C 134 -9.02 37.49 22.67
C ALA C 134 -7.68 36.85 22.35
N LEU C 135 -7.72 35.73 21.63
CA LEU C 135 -6.51 34.98 21.27
C LEU C 135 -5.53 35.81 20.41
N LEU C 136 -6.07 36.67 19.56
CA LEU C 136 -5.24 37.52 18.72
C LEU C 136 -4.60 38.68 19.50
N ALA C 137 -5.19 39.02 20.64
CA ALA C 137 -4.69 40.09 21.50
C ALA C 137 -3.64 39.59 22.48
N SER C 138 -3.57 38.28 22.65
CA SER C 138 -2.74 37.67 23.69
C SER C 138 -1.29 37.48 23.24
N ASP C 139 -0.38 37.83 24.14
CA ASP C 139 1.05 37.72 23.88
C ASP C 139 1.55 36.29 24.10
N ASN C 140 0.73 35.46 24.73
CA ASN C 140 1.09 34.07 25.04
C ASN C 140 0.51 33.04 24.09
N VAL C 141 -0.38 33.48 23.20
CA VAL C 141 -0.90 32.64 22.11
C VAL C 141 0.08 32.76 20.94
N HIS C 142 0.60 31.63 20.46
CA HIS C 142 1.68 31.65 19.48
C HIS C 142 1.22 32.16 18.12
N ALA C 143 2.13 32.80 17.41
CA ALA C 143 1.90 33.31 16.06
C ALA C 143 1.32 32.24 15.14
N ASN C 144 1.83 31.01 15.26
CA ASN C 144 1.36 29.89 14.44
C ASN C 144 -0.12 29.56 14.63
N SER C 145 -0.63 29.74 15.85
CA SER C 145 -2.04 29.52 16.13
C SER C 145 -2.90 30.75 15.80
N ARG C 146 -2.39 31.94 16.10
CA ARG C 146 -3.07 33.17 15.74
C ARG C 146 -3.32 33.31 14.23
N ALA C 147 -2.37 32.81 13.43
CA ALA C 147 -2.45 32.88 11.95
C ALA C 147 -3.77 32.35 11.39
N TYR C 148 -4.32 31.33 12.03
CA TYR C 148 -5.59 30.72 11.64
C TYR C 148 -6.74 31.71 11.67
N PHE C 149 -6.58 32.79 12.43
CA PHE C 149 -7.66 33.71 12.72
C PHE C 149 -7.43 35.09 12.09
N LEU C 150 -6.38 35.20 11.29
CA LEU C 150 -6.04 36.44 10.60
C LEU C 150 -6.36 36.35 9.12
N ALA C 151 -7.05 37.37 8.61
CA ALA C 151 -7.45 37.44 7.20
C ALA C 151 -6.25 37.50 6.26
N GLU C 152 -5.19 38.19 6.69
CA GLU C 152 -3.94 38.29 5.94
C GLU C 152 -3.38 36.91 5.63
N LYS C 153 -3.22 36.11 6.68
CA LYS C 153 -2.50 34.84 6.62
C LYS C 153 -3.23 33.77 5.80
N ARG C 154 -4.52 33.94 5.57
CA ARG C 154 -5.31 32.95 4.83
C ARG C 154 -5.16 33.04 3.31
N THR C 155 -4.66 34.17 2.81
CA THR C 155 -4.35 34.31 1.38
C THR C 155 -3.12 33.48 1.03
N GLY C 156 -3.27 32.65 0.00
CA GLY C 156 -2.16 31.81 -0.47
C GLY C 156 -2.00 30.48 0.25
N VAL C 157 -2.85 30.22 1.24
CA VAL C 157 -2.86 28.91 1.90
C VAL C 157 -3.59 27.91 1.00
N PRO C 158 -2.91 26.84 0.54
CA PRO C 158 -3.54 25.85 -0.31
C PRO C 158 -4.72 25.16 0.40
N GLY C 159 -5.86 25.12 -0.27
CA GLY C 159 -7.06 24.47 0.27
C GLY C 159 -8.02 25.40 0.99
N LEU C 160 -7.69 26.70 1.00
CA LEU C 160 -8.60 27.72 1.55
C LEU C 160 -9.14 28.65 0.46
N LEU D 4 22.10 16.06 4.69
CA LEU D 4 21.89 14.68 5.20
C LEU D 4 22.70 13.63 4.41
N ARG D 5 22.59 12.36 4.82
CA ARG D 5 23.24 11.24 4.13
C ARG D 5 22.24 10.10 3.94
N GLN D 6 22.69 9.00 3.33
CA GLN D 6 21.82 7.84 3.07
C GLN D 6 21.35 7.11 4.33
N GLU D 7 22.25 6.92 5.30
CA GLU D 7 21.89 6.27 6.57
C GLU D 7 20.85 7.10 7.32
N ASP D 8 21.00 8.42 7.24
CA ASP D 8 20.06 9.35 7.86
C ASP D 8 18.73 9.39 7.09
N PHE D 9 18.79 9.39 5.76
CA PHE D 9 17.57 9.39 4.96
C PHE D 9 16.81 8.05 5.09
N ALA D 10 17.56 6.95 5.17
CA ALA D 10 16.97 5.63 5.46
C ALA D 10 16.22 5.65 6.79
N THR D 11 16.82 6.27 7.79
CA THR D 11 16.19 6.43 9.11
C THR D 11 14.93 7.28 9.01
N VAL D 12 14.99 8.33 8.21
CA VAL D 12 13.86 9.23 8.00
C VAL D 12 12.71 8.48 7.33
N VAL D 13 13.03 7.75 6.27
CA VAL D 13 12.02 7.01 5.50
C VAL D 13 11.39 5.91 6.37
N ARG D 14 12.23 5.24 7.16
CA ARG D 14 11.77 4.17 8.05
C ARG D 14 10.81 4.69 9.11
N SER D 15 10.99 5.95 9.52
CA SER D 15 10.38 6.49 10.73
C SER D 15 9.23 7.48 10.54
N THR D 16 9.14 8.12 9.37
CA THR D 16 8.20 9.23 9.22
C THR D 16 7.64 9.38 7.77
N PRO D 17 6.40 9.91 7.63
CA PRO D 17 5.91 10.26 6.29
C PRO D 17 6.71 11.37 5.62
N LEU D 18 7.10 11.14 4.37
CA LEU D 18 7.77 12.18 3.58
C LEU D 18 6.70 13.16 3.10
N VAL D 19 7.07 14.43 2.96
CA VAL D 19 6.16 15.41 2.36
C VAL D 19 6.62 15.70 0.94
N SER D 20 5.69 15.63 -0.01
CA SER D 20 6.01 15.88 -1.43
C SER D 20 4.96 16.72 -2.13
N LEU D 21 5.31 17.21 -3.31
CA LEU D 21 4.36 17.86 -4.21
C LEU D 21 4.28 17.05 -5.49
N ASP D 22 3.06 16.78 -5.92
CA ASP D 22 2.80 16.12 -7.21
C ASP D 22 2.12 17.11 -8.16
N PHE D 23 2.58 17.12 -9.40
CA PHE D 23 2.04 18.03 -10.39
C PHE D 23 1.22 17.30 -11.46
N ILE D 24 -0.06 17.68 -11.57
CA ILE D 24 -0.89 17.22 -12.68
C ILE D 24 -0.76 18.28 -13.76
N VAL D 25 0.02 17.97 -14.79
CA VAL D 25 0.44 18.95 -15.79
C VAL D 25 -0.23 18.63 -17.12
N GLU D 26 -1.09 19.53 -17.57
CA GLU D 26 -1.87 19.35 -18.79
C GLU D 26 -1.34 20.26 -19.89
N ASN D 27 -1.15 19.69 -21.08
CA ASN D 27 -0.73 20.47 -22.24
C ASN D 27 -1.93 20.92 -23.09
N SER D 28 -1.67 21.53 -24.24
CA SER D 28 -2.75 22.05 -25.09
C SER D 28 -3.45 20.96 -25.92
N ARG D 29 -2.93 19.73 -25.84
CA ARG D 29 -3.53 18.56 -26.47
C ARG D 29 -4.42 17.74 -25.53
N GLY D 30 -4.61 18.25 -24.32
CA GLY D 30 -5.38 17.54 -23.29
C GLY D 30 -4.62 16.34 -22.73
N GLU D 31 -3.31 16.33 -22.95
CA GLU D 31 -2.45 15.26 -22.45
C GLU D 31 -1.78 15.66 -21.15
N PHE D 32 -1.36 14.66 -20.37
CA PHE D 32 -0.74 14.89 -19.07
C PHE D 32 0.67 14.32 -19.01
N LEU D 33 1.56 15.07 -18.35
CA LEU D 33 2.97 14.73 -18.33
C LEU D 33 3.27 13.64 -17.31
N LEU D 34 4.02 12.64 -17.76
CA LEU D 34 4.46 11.54 -16.90
C LEU D 34 5.94 11.32 -17.10
N GLY D 35 6.62 10.87 -16.05
CA GLY D 35 8.05 10.61 -16.09
C GLY D 35 8.35 9.23 -15.54
N LYS D 36 9.39 8.59 -16.07
CA LYS D 36 9.76 7.25 -15.64
C LYS D 36 10.54 7.28 -14.34
N ARG D 37 10.15 6.41 -13.41
CA ARG D 37 10.87 6.25 -12.16
C ARG D 37 11.96 5.20 -12.32
N THR D 38 13.21 5.63 -12.15
CA THR D 38 14.36 4.73 -12.34
C THR D 38 14.71 3.95 -11.08
N ASN D 39 14.45 4.57 -9.92
CA ASN D 39 14.75 3.95 -8.63
C ASN D 39 13.50 3.68 -7.81
N ARG D 40 13.66 2.90 -6.74
CA ARG D 40 12.59 2.56 -5.81
C ARG D 40 12.15 3.80 -5.03
N PRO D 41 10.88 3.82 -4.53
CA PRO D 41 9.80 2.84 -4.70
C PRO D 41 9.14 2.90 -6.08
N ALA D 42 8.27 1.94 -6.37
CA ALA D 42 7.58 1.82 -7.67
C ALA D 42 8.54 2.00 -8.85
N GLN D 43 9.60 1.18 -8.83
CA GLN D 43 10.67 1.23 -9.82
C GLN D 43 10.15 0.75 -11.18
N GLY D 44 10.46 1.49 -12.24
CA GLY D 44 10.02 1.14 -13.60
C GLY D 44 8.64 1.66 -13.99
N TYR D 45 7.87 2.12 -13.01
CA TYR D 45 6.53 2.67 -13.28
C TYR D 45 6.59 4.14 -13.70
N TRP D 46 5.56 4.60 -14.42
CA TRP D 46 5.45 5.98 -14.87
C TRP D 46 4.58 6.81 -13.92
N PHE D 47 5.04 8.02 -13.62
CA PHE D 47 4.48 8.82 -12.54
C PHE D 47 4.35 10.28 -12.95
N VAL D 48 3.39 11.00 -12.37
CA VAL D 48 3.33 12.45 -12.51
C VAL D 48 4.64 13.02 -11.95
N PRO D 49 5.10 14.17 -12.49
CA PRO D 49 6.31 14.76 -11.93
C PRO D 49 6.04 15.28 -10.52
N GLY D 50 7.08 15.36 -9.70
CA GLY D 50 6.97 15.87 -8.35
C GLY D 50 8.22 15.58 -7.57
N GLY D 51 8.17 15.80 -6.25
CA GLY D 51 9.33 15.64 -5.40
C GLY D 51 9.06 16.05 -3.97
N ARG D 52 9.94 15.64 -3.07
CA ARG D 52 9.74 15.92 -1.66
C ARG D 52 10.12 17.35 -1.26
N VAL D 53 9.45 17.85 -0.23
CA VAL D 53 9.74 19.14 0.34
C VAL D 53 10.87 18.93 1.34
N GLN D 54 11.88 19.80 1.27
CA GLN D 54 13.08 19.67 2.09
C GLN D 54 12.93 20.36 3.44
N LYS D 55 13.77 19.96 4.40
CA LYS D 55 13.75 20.52 5.73
C LYS D 55 13.90 22.04 5.71
N ASP D 56 13.02 22.72 6.45
CA ASP D 56 13.00 24.18 6.58
C ASP D 56 12.70 24.92 5.28
N GLU D 57 12.24 24.20 4.26
CA GLU D 57 11.89 24.81 3.00
C GLU D 57 10.39 25.07 2.92
N THR D 58 10.02 26.28 2.52
CA THR D 58 8.61 26.64 2.39
C THR D 58 7.97 25.90 1.21
N LEU D 59 6.65 25.80 1.23
CA LEU D 59 5.91 25.19 0.13
C LEU D 59 6.06 26.02 -1.15
N GLU D 60 6.14 27.34 -0.97
CA GLU D 60 6.33 28.31 -2.06
C GLU D 60 7.64 28.04 -2.80
N ALA D 61 8.74 28.00 -2.06
CA ALA D 61 10.06 27.72 -2.61
C ALA D 61 10.17 26.29 -3.17
N ALA D 62 9.59 25.32 -2.48
CA ALA D 62 9.57 23.93 -2.95
C ALA D 62 8.87 23.83 -4.31
N PHE D 63 7.73 24.51 -4.44
CA PHE D 63 6.96 24.54 -5.68
C PHE D 63 7.77 25.12 -6.84
N GLU D 64 8.44 26.24 -6.60
CA GLU D 64 9.30 26.88 -7.60
C GLU D 64 10.52 26.03 -7.96
N ARG D 65 11.18 25.44 -6.95
CA ARG D 65 12.31 24.55 -7.16
C ARG D 65 11.93 23.30 -7.96
N LEU D 66 10.80 22.69 -7.61
CA LEU D 66 10.37 21.43 -8.22
C LEU D 66 9.78 21.58 -9.62
N THR D 67 9.05 22.66 -9.88
CA THR D 67 8.60 22.93 -11.24
C THR D 67 9.78 23.16 -12.16
N MET D 68 10.78 23.92 -11.70
CA MET D 68 11.98 24.19 -12.48
C MET D 68 12.78 22.91 -12.71
N ALA D 69 13.00 22.14 -11.65
CA ALA D 69 13.73 20.87 -11.75
C ALA D 69 12.99 19.84 -12.59
N GLU D 70 11.70 19.63 -12.28
CA GLU D 70 10.92 18.55 -12.89
C GLU D 70 10.31 18.87 -14.24
N LEU D 71 10.01 20.14 -14.49
CA LEU D 71 9.37 20.54 -15.75
C LEU D 71 10.26 21.45 -16.59
N GLY D 72 11.37 21.90 -16.03
CA GLY D 72 12.25 22.86 -16.69
C GLY D 72 11.59 24.21 -16.92
N LEU D 73 10.54 24.48 -16.15
CA LEU D 73 9.83 25.74 -16.16
C LEU D 73 9.45 26.09 -14.72
N ARG D 74 10.04 27.17 -14.21
CA ARG D 74 9.73 27.64 -12.87
C ARG D 74 8.39 28.36 -12.84
N LEU D 75 7.46 27.81 -12.06
CA LEU D 75 6.18 28.46 -11.82
C LEU D 75 6.06 28.78 -10.33
N PRO D 76 5.37 29.88 -9.98
CA PRO D 76 5.00 30.14 -8.59
C PRO D 76 3.84 29.25 -8.17
N ILE D 77 3.67 29.05 -6.86
CA ILE D 77 2.61 28.20 -6.33
C ILE D 77 1.21 28.70 -6.73
N THR D 78 1.09 30.02 -6.88
CA THR D 78 -0.16 30.68 -7.31
C THR D 78 -0.58 30.29 -8.72
N ALA D 79 0.36 29.74 -9.49
CA ALA D 79 0.07 29.24 -10.83
C ALA D 79 -0.64 27.89 -10.79
N GLY D 80 -0.53 27.20 -9.66
CA GLY D 80 -1.11 25.87 -9.50
C GLY D 80 -2.46 25.87 -8.81
N GLN D 81 -3.39 25.10 -9.35
CA GLN D 81 -4.67 24.84 -8.69
C GLN D 81 -4.46 23.70 -7.70
N PHE D 82 -4.70 23.95 -6.42
CA PHE D 82 -4.51 22.92 -5.39
C PHE D 82 -5.44 21.74 -5.63
N TYR D 83 -4.84 20.54 -5.65
CA TYR D 83 -5.57 19.34 -6.01
C TYR D 83 -5.65 18.32 -4.86
N GLY D 84 -5.72 18.82 -3.62
CA GLY D 84 -5.95 17.96 -2.46
C GLY D 84 -4.72 17.35 -1.83
N VAL D 85 -4.92 16.74 -0.67
CA VAL D 85 -3.85 16.06 0.07
C VAL D 85 -4.02 14.55 -0.11
N TRP D 86 -3.05 13.94 -0.77
CA TRP D 86 -3.09 12.52 -1.06
C TRP D 86 -2.11 11.75 -0.20
N GLN D 87 -2.28 10.42 -0.15
CA GLN D 87 -1.47 9.58 0.69
C GLN D 87 -0.98 8.37 -0.09
N HIS D 88 0.34 8.23 -0.21
CA HIS D 88 0.92 7.11 -0.97
C HIS D 88 1.76 6.21 -0.09
N PHE D 89 1.46 4.91 -0.13
CA PHE D 89 2.12 3.91 0.69
C PHE D 89 2.77 2.83 -0.18
N TYR D 90 4.08 2.69 -0.09
CA TYR D 90 4.82 1.66 -0.85
C TYR D 90 5.48 0.69 0.09
N ASP D 91 5.49 -0.59 -0.29
CA ASP D 91 6.07 -1.65 0.54
C ASP D 91 7.60 -1.64 0.54
N ASP D 92 8.20 -0.87 -0.36
CA ASP D 92 9.64 -0.77 -0.44
C ASP D 92 10.13 0.69 -0.32
N ASN D 93 11.44 0.88 -0.42
CA ASN D 93 12.04 2.21 -0.34
C ASN D 93 13.24 2.37 -1.25
N PHE D 94 13.73 3.60 -1.39
CA PHE D 94 14.87 3.93 -2.25
C PHE D 94 16.09 2.99 -2.12
N SER D 95 16.28 2.42 -0.93
CA SER D 95 17.46 1.59 -0.66
C SER D 95 17.19 0.10 -0.82
N GLY D 96 15.93 -0.28 -0.92
CA GLY D 96 15.60 -1.69 -1.08
C GLY D 96 14.24 -2.06 -0.54
N THR D 97 14.18 -3.24 0.09
CA THR D 97 12.91 -3.87 0.42
C THR D 97 12.75 -4.23 1.91
N ASP D 98 13.51 -3.60 2.78
CA ASP D 98 13.44 -3.93 4.21
C ASP D 98 12.58 -3.01 5.06
N PHE D 99 12.06 -1.95 4.46
CA PHE D 99 11.07 -1.09 5.11
C PHE D 99 10.27 -0.31 4.08
N THR D 100 9.13 0.19 4.50
CA THR D 100 8.13 0.84 3.64
C THR D 100 8.39 2.34 3.44
N THR D 101 7.77 2.93 2.41
CA THR D 101 7.75 4.39 2.23
C THR D 101 6.33 4.94 2.32
N HIS D 102 6.20 6.06 3.00
CA HIS D 102 4.91 6.72 3.22
C HIS D 102 5.03 8.18 2.77
N TYR D 103 4.21 8.57 1.80
CA TYR D 103 4.13 9.96 1.36
C TYR D 103 2.83 10.63 1.76
N VAL D 104 2.94 11.84 2.28
CA VAL D 104 1.79 12.74 2.36
C VAL D 104 2.01 13.78 1.25
N VAL D 105 1.08 13.81 0.31
CA VAL D 105 1.27 14.48 -0.98
C VAL D 105 0.35 15.67 -1.21
N LEU D 106 0.94 16.82 -1.52
CA LEU D 106 0.18 17.98 -1.96
C LEU D 106 0.12 18.03 -3.49
N GLY D 107 -1.07 17.75 -4.03
CA GLY D 107 -1.28 17.76 -5.47
C GLY D 107 -1.56 19.17 -5.95
N PHE D 108 -1.06 19.48 -7.13
CA PHE D 108 -1.35 20.74 -7.81
C PHE D 108 -1.59 20.46 -9.29
N ARG D 109 -2.63 21.08 -9.83
CA ARG D 109 -2.97 20.94 -11.25
C ARG D 109 -2.82 22.28 -11.98
N PHE D 110 -2.20 22.23 -13.15
CA PHE D 110 -2.08 23.40 -14.01
C PHE D 110 -1.97 23.03 -15.50
N ARG D 111 -2.15 24.03 -16.34
CA ARG D 111 -2.08 23.85 -17.79
C ARG D 111 -0.81 24.53 -18.32
N VAL D 112 -0.11 23.86 -19.23
CA VAL D 112 1.11 24.43 -19.81
C VAL D 112 1.10 24.47 -21.34
N SER D 113 2.14 25.07 -21.90
CA SER D 113 2.45 24.94 -23.31
C SER D 113 3.66 24.03 -23.44
N GLU D 114 3.42 22.84 -24.02
CA GLU D 114 4.42 21.78 -24.17
C GLU D 114 5.79 22.35 -24.54
N GLU D 115 5.77 23.19 -25.56
CA GLU D 115 6.94 23.89 -26.10
C GLU D 115 7.88 24.54 -25.07
N GLU D 116 7.29 25.17 -24.05
CA GLU D 116 8.05 25.96 -23.06
C GLU D 116 8.55 25.15 -21.87
N LEU D 117 9.11 23.96 -22.12
CA LEU D 117 9.61 23.10 -21.05
C LEU D 117 11.03 22.57 -21.31
N LEU D 118 11.88 22.69 -20.29
CA LEU D 118 13.21 22.07 -20.31
C LEU D 118 13.15 20.65 -19.73
N LEU D 119 13.32 19.66 -20.60
CA LEU D 119 13.31 18.27 -20.16
C LEU D 119 14.59 17.56 -20.61
N ASP D 125 13.72 7.09 -17.26
CA ASP D 125 14.60 7.60 -18.31
C ASP D 125 14.06 8.88 -18.97
N ASP D 126 12.85 8.81 -19.53
CA ASP D 126 12.30 9.91 -20.32
C ASP D 126 10.95 10.41 -19.78
N TYR D 127 10.34 11.34 -20.52
CA TYR D 127 9.05 11.91 -20.19
C TYR D 127 8.08 11.62 -21.35
N ARG D 128 6.80 11.44 -21.03
CA ARG D 128 5.77 11.20 -22.05
C ARG D 128 4.50 11.97 -21.76
N TRP D 129 3.75 12.28 -22.82
CA TRP D 129 2.45 12.95 -22.71
C TRP D 129 1.33 11.99 -23.09
N LEU D 130 0.41 11.74 -22.14
CA LEU D 130 -0.73 10.86 -22.40
C LEU D 130 -2.05 11.53 -22.07
N THR D 131 -3.06 11.27 -22.89
CA THR D 131 -4.42 11.71 -22.58
C THR D 131 -4.89 11.00 -21.31
N SER D 132 -5.93 11.56 -20.68
CA SER D 132 -6.51 10.97 -19.48
C SER D 132 -6.89 9.50 -19.71
N ASP D 133 -7.49 9.21 -20.87
CA ASP D 133 -7.91 7.84 -21.23
C ASP D 133 -6.75 6.85 -21.40
N ALA D 134 -5.72 7.25 -22.13
CA ALA D 134 -4.54 6.42 -22.37
C ALA D 134 -3.78 6.10 -21.07
N LEU D 135 -3.63 7.12 -20.22
CA LEU D 135 -2.93 6.92 -18.95
C LEU D 135 -3.72 6.00 -18.01
N LEU D 136 -5.05 6.14 -18.01
CA LEU D 136 -5.92 5.28 -17.21
C LEU D 136 -5.88 3.84 -17.66
N ALA D 137 -5.63 3.63 -18.96
CA ALA D 137 -5.53 2.31 -19.55
C ALA D 137 -4.10 1.76 -19.56
N SER D 138 -3.14 2.57 -19.15
CA SER D 138 -1.74 2.12 -19.10
C SER D 138 -1.38 1.39 -17.81
N ASP D 139 -0.93 0.15 -17.95
CA ASP D 139 -0.52 -0.67 -16.81
C ASP D 139 0.90 -0.31 -16.34
N ASN D 140 1.62 0.44 -17.16
CA ASN D 140 2.97 0.90 -16.82
C ASN D 140 2.96 2.25 -16.07
N VAL D 141 1.78 2.86 -15.98
CA VAL D 141 1.57 4.04 -15.13
C VAL D 141 1.08 3.56 -13.76
N HIS D 142 1.78 3.96 -12.69
CA HIS D 142 1.47 3.50 -11.34
C HIS D 142 0.06 3.90 -10.89
N ALA D 143 -0.56 3.03 -10.09
CA ALA D 143 -1.90 3.26 -9.53
C ALA D 143 -2.05 4.62 -8.84
N ASN D 144 -0.97 5.09 -8.24
CA ASN D 144 -0.98 6.35 -7.48
C ASN D 144 -1.06 7.59 -8.37
N SER D 145 -0.66 7.44 -9.63
CA SER D 145 -0.80 8.51 -10.62
C SER D 145 -2.15 8.45 -11.33
N ARG D 146 -2.57 7.23 -11.70
CA ARG D 146 -3.89 7.01 -12.31
C ARG D 146 -5.03 7.45 -11.39
N ALA D 147 -4.78 7.33 -10.07
CA ALA D 147 -5.72 7.77 -9.03
C ALA D 147 -6.17 9.21 -9.18
N TYR D 148 -5.23 10.10 -9.56
CA TYR D 148 -5.55 11.51 -9.79
C TYR D 148 -6.66 11.72 -10.83
N PHE D 149 -6.82 10.74 -11.72
CA PHE D 149 -7.73 10.86 -12.85
C PHE D 149 -9.00 10.00 -12.71
N LEU D 150 -9.17 9.40 -11.53
CA LEU D 150 -10.37 8.62 -11.20
C LEU D 150 -11.21 9.35 -10.16
N ALA D 151 -12.50 9.52 -10.44
CA ALA D 151 -13.42 10.24 -9.54
C ALA D 151 -13.57 9.58 -8.17
N GLU D 152 -13.57 8.25 -8.16
CA GLU D 152 -13.79 7.45 -6.96
C GLU D 152 -12.67 7.67 -5.93
N LYS D 153 -11.51 8.07 -6.44
CA LYS D 153 -10.34 8.34 -5.62
C LYS D 153 -10.31 9.75 -5.04
N ARG D 154 -10.93 10.71 -5.74
CA ARG D 154 -10.98 12.11 -5.30
C ARG D 154 -11.92 12.32 -4.10
N THR D 155 -12.86 11.39 -3.93
CA THR D 155 -13.82 11.47 -2.83
C THR D 155 -13.13 11.22 -1.49
N GLY D 156 -13.35 12.11 -0.53
CA GLY D 156 -12.74 12.00 0.79
C GLY D 156 -11.30 12.49 0.89
N VAL D 157 -10.77 13.04 -0.21
CA VAL D 157 -9.45 13.65 -0.21
C VAL D 157 -9.58 15.07 0.31
N PRO D 158 -8.89 15.40 1.42
CA PRO D 158 -8.97 16.75 2.00
C PRO D 158 -8.61 17.84 0.99
N GLY D 159 -9.50 18.81 0.82
CA GLY D 159 -9.28 19.92 -0.11
C GLY D 159 -9.90 19.75 -1.49
N LEU D 160 -10.64 18.66 -1.68
CA LEU D 160 -11.39 18.44 -2.93
C LEU D 160 -12.90 18.40 -2.67
#